data_6RSM
#
_entry.id   6RSM
#
_cell.length_a   1.000
_cell.length_b   1.000
_cell.length_c   1.000
_cell.angle_alpha   90.00
_cell.angle_beta   90.00
_cell.angle_gamma   90.00
#
_symmetry.space_group_name_H-M   'P 1'
#
_entity_poly.entity_id   1
_entity_poly.type   'polypeptide(L)'
_entity_poly.pdbx_seq_one_letter_code
;KFKKVIWKSFL
;
_entity_poly.pdbx_strand_id   A
#
# COMPACT_ATOMS: atom_id res chain seq x y z
N LYS A 1 -12.79 3.72 2.97
CA LYS A 1 -11.43 3.68 2.45
C LYS A 1 -10.90 2.25 2.43
N PHE A 2 -9.99 1.98 1.50
CA PHE A 2 -9.39 0.65 1.37
C PHE A 2 -8.08 0.56 2.13
N LYS A 3 -7.93 -0.50 2.92
CA LYS A 3 -6.71 -0.70 3.70
C LYS A 3 -5.71 -1.56 2.94
N LYS A 4 -5.56 -1.28 1.65
CA LYS A 4 -4.63 -2.03 0.81
C LYS A 4 -3.19 -1.88 1.31
N VAL A 5 -2.27 -2.58 0.68
CA VAL A 5 -0.87 -2.54 1.06
C VAL A 5 -0.10 -1.52 0.22
N ILE A 6 0.65 -0.66 0.90
CA ILE A 6 1.44 0.37 0.21
C ILE A 6 2.86 -0.11 -0.06
N TRP A 7 3.01 -1.42 -0.28
CA TRP A 7 4.32 -2.00 -0.55
C TRP A 7 4.91 -1.44 -1.84
N LYS A 8 4.05 -1.21 -2.82
CA LYS A 8 4.49 -0.67 -4.10
C LYS A 8 5.26 0.63 -3.92
N SER A 9 4.84 1.42 -2.94
CA SER A 9 5.50 2.70 -2.66
C SER A 9 6.73 2.50 -1.77
N PHE A 10 6.64 1.54 -0.86
CA PHE A 10 7.75 1.25 0.05
C PHE A 10 8.96 0.72 -0.72
N LEU A 11 8.70 -0.15 -1.70
CA LEU A 11 9.76 -0.72 -2.51
C LEU A 11 10.66 0.37 -3.10
N LYS A 1 -5.81 4.77 0.74
CA LYS A 1 -7.07 5.02 1.45
C LYS A 1 -7.71 3.71 1.89
N PHE A 2 -7.61 2.70 1.03
CA PHE A 2 -8.19 1.39 1.33
C PHE A 2 -7.44 0.72 2.49
N LYS A 3 -7.99 -0.40 2.96
CA LYS A 3 -7.39 -1.14 4.06
C LYS A 3 -6.53 -2.29 3.55
N LYS A 4 -5.80 -2.05 2.47
CA LYS A 4 -4.94 -3.07 1.89
C LYS A 4 -3.48 -2.65 1.95
N VAL A 5 -2.59 -3.58 1.62
CA VAL A 5 -1.15 -3.32 1.66
C VAL A 5 -0.58 -3.26 0.24
N ILE A 6 0.36 -2.35 0.02
CA ILE A 6 0.99 -2.20 -1.28
C ILE A 6 2.45 -1.79 -1.14
N TRP A 7 3.35 -2.74 -1.35
CA TRP A 7 4.78 -2.49 -1.24
C TRP A 7 5.21 -1.44 -2.26
N LYS A 8 4.67 -1.52 -3.46
CA LYS A 8 5.00 -0.56 -4.52
C LYS A 8 4.83 0.87 -4.04
N SER A 9 3.82 1.08 -3.19
CA SER A 9 3.55 2.42 -2.66
C SER A 9 4.40 2.69 -1.43
N PHE A 10 4.61 1.66 -0.63
CA PHE A 10 5.42 1.78 0.59
C PHE A 10 6.84 2.22 0.27
N LEU A 11 7.38 1.68 -0.82
CA LEU A 11 8.74 1.99 -1.25
C LEU A 11 8.90 3.50 -1.46
N LYS A 1 -12.21 -1.25 4.35
CA LYS A 1 -10.80 -0.90 4.47
C LYS A 1 -10.36 -0.02 3.31
N PHE A 2 -10.40 1.30 3.50
CA PHE A 2 -10.00 2.24 2.47
C PHE A 2 -8.49 2.27 2.31
N LYS A 3 -8.02 2.64 1.12
CA LYS A 3 -6.60 2.72 0.83
C LYS A 3 -5.90 1.41 1.22
N LYS A 4 -6.00 0.41 0.36
CA LYS A 4 -5.38 -0.89 0.61
C LYS A 4 -3.89 -0.73 0.87
N VAL A 5 -3.24 -1.82 1.26
CA VAL A 5 -1.81 -1.80 1.54
C VAL A 5 -1.00 -1.75 0.25
N ILE A 6 0.09 -0.99 0.28
CA ILE A 6 0.96 -0.84 -0.87
C ILE A 6 2.43 -0.88 -0.47
N TRP A 7 3.04 -2.05 -0.60
CA TRP A 7 4.45 -2.22 -0.25
C TRP A 7 5.35 -1.65 -1.34
N LYS A 8 4.95 -1.84 -2.59
CA LYS A 8 5.72 -1.33 -3.72
C LYS A 8 6.03 0.15 -3.56
N SER A 9 5.09 0.88 -2.98
CA SER A 9 5.27 2.31 -2.77
C SER A 9 6.58 2.60 -2.04
N PHE A 10 6.95 1.72 -1.12
CA PHE A 10 8.17 1.86 -0.35
C PHE A 10 9.35 1.22 -1.08
N LEU A 11 9.11 0.04 -1.64
CA LEU A 11 10.14 -0.68 -2.37
C LEU A 11 11.41 -0.80 -1.53
N LYS A 1 -11.34 1.16 0.33
CA LYS A 1 -11.69 1.76 1.60
C LYS A 1 -10.44 2.10 2.41
N PHE A 2 -9.39 2.53 1.72
CA PHE A 2 -8.14 2.88 2.38
C PHE A 2 -7.55 1.69 3.11
N LYS A 3 -6.45 1.91 3.81
CA LYS A 3 -5.79 0.84 4.57
C LYS A 3 -5.54 -0.37 3.68
N LYS A 4 -4.69 -0.20 2.67
CA LYS A 4 -4.37 -1.29 1.76
C LYS A 4 -2.86 -1.54 1.74
N VAL A 5 -2.47 -2.68 1.16
CA VAL A 5 -1.06 -3.04 1.07
C VAL A 5 -0.55 -2.90 -0.37
N ILE A 6 0.52 -2.13 -0.53
CA ILE A 6 1.10 -1.92 -1.85
C ILE A 6 2.62 -1.79 -1.76
N TRP A 7 3.33 -2.84 -2.15
CA TRP A 7 4.78 -2.84 -2.11
C TRP A 7 5.34 -1.63 -2.84
N LYS A 8 4.68 -1.23 -3.91
CA LYS A 8 5.10 -0.08 -4.71
C LYS A 8 5.25 1.16 -3.82
N SER A 9 4.37 1.28 -2.83
CA SER A 9 4.39 2.42 -1.92
C SER A 9 5.35 2.17 -0.76
N PHE A 10 5.40 0.92 -0.30
CA PHE A 10 6.27 0.54 0.80
C PHE A 10 7.73 0.81 0.46
N LEU A 11 8.09 0.61 -0.81
CA LEU A 11 9.45 0.82 -1.27
C LEU A 11 9.62 2.22 -1.83
N LYS A 1 -11.28 -0.56 0.07
CA LYS A 1 -11.80 0.45 0.99
C LYS A 1 -10.74 0.86 2.01
N PHE A 2 -9.88 1.79 1.61
CA PHE A 2 -8.82 2.28 2.49
C PHE A 2 -7.86 1.15 2.86
N LYS A 3 -6.88 1.47 3.69
CA LYS A 3 -5.90 0.49 4.12
C LYS A 3 -5.30 -0.25 2.93
N LYS A 4 -5.06 0.48 1.84
CA LYS A 4 -4.50 -0.11 0.64
C LYS A 4 -3.15 -0.78 0.93
N VAL A 5 -2.55 -1.37 -0.10
CA VAL A 5 -1.27 -2.04 0.05
C VAL A 5 -0.14 -1.03 0.24
N ILE A 6 0.73 -1.30 1.22
CA ILE A 6 1.85 -0.42 1.51
C ILE A 6 3.05 -0.77 0.63
N TRP A 7 3.07 -1.99 0.12
CA TRP A 7 4.17 -2.45 -0.73
C TRP A 7 4.43 -1.45 -1.85
N LYS A 8 3.37 -0.83 -2.34
CA LYS A 8 3.49 0.15 -3.42
C LYS A 8 4.54 1.21 -3.08
N SER A 9 4.53 1.67 -1.82
CA SER A 9 5.47 2.68 -1.36
C SER A 9 6.83 2.06 -1.06
N PHE A 10 6.81 0.84 -0.53
CA PHE A 10 8.05 0.14 -0.20
C PHE A 10 8.89 -0.10 -1.45
N LEU A 11 8.24 -0.52 -2.52
CA LEU A 11 8.92 -0.80 -3.78
C LEU A 11 9.76 0.41 -4.22
N LYS A 1 -9.76 3.44 1.62
CA LYS A 1 -10.70 2.33 1.60
C LYS A 1 -10.06 1.05 2.10
N PHE A 2 -10.31 0.72 3.37
CA PHE A 2 -9.74 -0.48 3.97
C PHE A 2 -8.22 -0.43 3.99
N LYS A 3 -7.68 0.79 3.96
CA LYS A 3 -6.24 0.99 3.97
C LYS A 3 -5.56 0.15 2.89
N LYS A 4 -5.53 0.70 1.67
CA LYS A 4 -4.92 0.00 0.55
C LYS A 4 -3.46 -0.35 0.85
N VAL A 5 -3.03 -1.52 0.38
CA VAL A 5 -1.66 -1.97 0.60
C VAL A 5 -0.89 -2.04 -0.71
N ILE A 6 0.29 -1.43 -0.73
CA ILE A 6 1.13 -1.42 -1.93
C ILE A 6 2.61 -1.46 -1.56
N TRP A 7 3.21 -2.63 -1.71
CA TRP A 7 4.63 -2.80 -1.40
C TRP A 7 5.49 -1.88 -2.26
N LYS A 8 5.14 -1.78 -3.54
CA LYS A 8 5.88 -0.94 -4.48
C LYS A 8 6.01 0.48 -3.95
N SER A 9 4.97 0.95 -3.26
CA SER A 9 4.96 2.30 -2.69
C SER A 9 5.78 2.35 -1.41
N PHE A 10 5.72 1.27 -0.63
CA PHE A 10 6.46 1.20 0.63
C PHE A 10 7.96 1.17 0.39
N LEU A 11 8.36 0.46 -0.67
CA LEU A 11 9.77 0.35 -1.02
C LEU A 11 10.42 1.73 -1.12
N LYS A 1 -11.82 4.81 4.36
CA LYS A 1 -10.48 4.37 3.96
C LYS A 1 -10.54 3.00 3.29
N PHE A 2 -9.43 2.60 2.68
CA PHE A 2 -9.36 1.31 2.00
C PHE A 2 -8.13 0.53 2.46
N LYS A 3 -8.11 -0.77 2.17
CA LYS A 3 -7.00 -1.63 2.54
C LYS A 3 -6.17 -2.00 1.33
N LYS A 4 -5.50 -1.01 0.74
CA LYS A 4 -4.67 -1.25 -0.43
C LYS A 4 -3.19 -1.03 -0.10
N VAL A 5 -2.70 -1.73 0.91
CA VAL A 5 -1.31 -1.62 1.32
C VAL A 5 -0.39 -2.36 0.36
N ILE A 6 0.66 -1.69 -0.08
CA ILE A 6 1.63 -2.28 -1.01
C ILE A 6 3.03 -1.77 -0.73
N TRP A 7 3.85 -2.60 -0.10
CA TRP A 7 5.22 -2.24 0.21
C TRP A 7 5.99 -1.83 -1.05
N LYS A 8 5.68 -2.50 -2.15
CA LYS A 8 6.33 -2.20 -3.42
C LYS A 8 6.22 -0.72 -3.77
N SER A 9 5.08 -0.12 -3.40
CA SER A 9 4.84 1.29 -3.68
C SER A 9 5.42 2.16 -2.57
N PHE A 10 5.34 1.67 -1.34
CA PHE A 10 5.85 2.40 -0.19
C PHE A 10 7.34 2.67 -0.34
N LEU A 11 8.05 1.71 -0.92
CA LEU A 11 9.50 1.83 -1.11
C LEU A 11 9.81 2.35 -2.51
N LYS A 1 -11.55 5.05 1.96
CA LYS A 1 -11.17 4.04 2.95
C LYS A 1 -10.70 2.76 2.27
N PHE A 2 -9.39 2.58 2.19
CA PHE A 2 -8.81 1.39 1.57
C PHE A 2 -7.53 0.98 2.28
N LYS A 3 -7.31 -0.33 2.38
CA LYS A 3 -6.13 -0.87 3.03
C LYS A 3 -5.42 -1.88 2.14
N LYS A 4 -4.87 -1.40 1.03
CA LYS A 4 -4.16 -2.26 0.09
C LYS A 4 -2.71 -2.45 0.51
N VAL A 5 -1.94 -3.14 -0.32
CA VAL A 5 -0.53 -3.40 -0.03
C VAL A 5 0.26 -2.10 -0.01
N ILE A 6 0.87 -1.79 1.13
CA ILE A 6 1.66 -0.58 1.28
C ILE A 6 3.10 -0.80 0.79
N TRP A 7 3.51 -2.06 0.75
CA TRP A 7 4.85 -2.41 0.32
C TRP A 7 5.17 -1.76 -1.04
N LYS A 8 4.16 -1.63 -1.88
CA LYS A 8 4.32 -1.03 -3.20
C LYS A 8 4.38 0.49 -3.09
N SER A 9 3.66 1.05 -2.13
CA SER A 9 3.63 2.49 -1.93
C SER A 9 5.05 3.05 -1.81
N PHE A 10 5.93 2.28 -1.18
CA PHE A 10 7.31 2.69 -1.00
C PHE A 10 8.23 1.94 -1.95
N LEU A 11 8.03 0.62 -2.06
CA LEU A 11 8.83 -0.21 -2.93
C LEU A 11 10.32 0.03 -2.69
N LYS A 1 -13.56 0.89 3.16
CA LYS A 1 -12.22 0.30 3.12
C LYS A 1 -11.30 1.12 2.22
N PHE A 2 -10.38 1.86 2.84
CA PHE A 2 -9.43 2.68 2.10
C PHE A 2 -8.02 2.51 2.64
N LYS A 3 -7.77 1.37 3.28
CA LYS A 3 -6.46 1.09 3.84
C LYS A 3 -5.75 0.00 3.05
N LYS A 4 -5.84 0.09 1.73
CA LYS A 4 -5.20 -0.88 0.85
C LYS A 4 -3.72 -1.03 1.18
N VAL A 5 -3.10 -2.09 0.67
CA VAL A 5 -1.69 -2.34 0.91
C VAL A 5 -0.87 -2.18 -0.37
N ILE A 6 0.27 -1.52 -0.25
CA ILE A 6 1.14 -1.30 -1.40
C ILE A 6 2.61 -1.33 -0.99
N TRP A 7 3.28 -2.44 -1.30
CA TRP A 7 4.69 -2.59 -0.96
C TRP A 7 5.56 -1.73 -1.87
N LYS A 8 5.21 -1.68 -3.14
CA LYS A 8 5.96 -0.89 -4.12
C LYS A 8 6.13 0.55 -3.63
N SER A 9 5.12 1.06 -2.95
CA SER A 9 5.16 2.42 -2.43
C SER A 9 6.40 2.65 -1.57
N PHE A 10 6.78 1.61 -0.83
CA PHE A 10 7.95 1.69 0.05
C PHE A 10 9.23 1.36 -0.73
N LEU A 11 9.13 0.39 -1.63
CA LEU A 11 10.28 -0.02 -2.44
C LEU A 11 11.49 -0.29 -1.56
N LYS A 1 -13.92 -0.75 2.10
CA LYS A 1 -12.53 -0.94 1.68
C LYS A 1 -11.72 0.32 1.86
N PHE A 2 -11.02 0.43 3.00
CA PHE A 2 -10.21 1.59 3.29
C PHE A 2 -8.79 1.18 3.70
N LYS A 3 -7.89 2.15 3.75
CA LYS A 3 -6.51 1.89 4.13
C LYS A 3 -5.92 0.77 3.28
N LYS A 4 -5.70 1.04 2.00
CA LYS A 4 -5.15 0.06 1.09
C LYS A 4 -3.65 -0.15 1.37
N VAL A 5 -3.07 -1.16 0.71
CA VAL A 5 -1.66 -1.46 0.88
C VAL A 5 -0.84 -0.94 -0.28
N ILE A 6 0.40 -0.56 0.00
CA ILE A 6 1.30 -0.04 -1.03
C ILE A 6 2.68 -0.69 -0.94
N TRP A 7 2.91 -1.70 -1.76
CA TRP A 7 4.18 -2.39 -1.78
C TRP A 7 5.25 -1.58 -2.50
N LYS A 8 4.84 -0.89 -3.56
CA LYS A 8 5.75 -0.06 -4.34
C LYS A 8 6.39 1.02 -3.47
N SER A 9 5.61 1.54 -2.52
CA SER A 9 6.10 2.58 -1.62
C SER A 9 7.36 2.13 -0.90
N PHE A 10 7.42 0.85 -0.56
CA PHE A 10 8.57 0.28 0.13
C PHE A 10 9.70 -0.02 -0.83
N LEU A 11 9.35 -0.57 -1.99
CA LEU A 11 10.34 -0.91 -3.01
C LEU A 11 11.49 -1.71 -2.41
N LYS A 1 -11.60 3.69 4.03
CA LYS A 1 -12.49 2.66 3.50
C LYS A 1 -11.70 1.52 2.86
N PHE A 2 -10.59 1.88 2.21
CA PHE A 2 -9.74 0.88 1.56
C PHE A 2 -8.33 0.93 2.12
N LYS A 3 -7.91 -0.18 2.73
CA LYS A 3 -6.58 -0.27 3.31
C LYS A 3 -5.67 -1.18 2.47
N LYS A 4 -5.74 -1.00 1.16
CA LYS A 4 -4.92 -1.80 0.25
C LYS A 4 -3.44 -1.72 0.62
N VAL A 5 -2.66 -2.67 0.11
CA VAL A 5 -1.24 -2.70 0.39
C VAL A 5 -0.50 -1.59 -0.34
N ILE A 6 0.32 -0.85 0.38
CA ILE A 6 1.08 0.25 -0.19
C ILE A 6 2.58 0.06 0.03
N TRP A 7 3.02 -1.19 0.05
CA TRP A 7 4.42 -1.51 0.25
C TRP A 7 5.23 -1.20 -1.00
N LYS A 8 4.65 -1.46 -2.16
CA LYS A 8 5.32 -1.21 -3.43
C LYS A 8 5.77 0.25 -3.53
N SER A 9 4.97 1.15 -2.97
CA SER A 9 5.29 2.57 -2.99
C SER A 9 6.70 2.82 -2.46
N PHE A 10 7.10 2.04 -1.46
CA PHE A 10 8.41 2.18 -0.86
C PHE A 10 9.41 1.21 -1.50
N LEU A 11 8.95 -0.03 -1.73
CA LEU A 11 9.80 -1.04 -2.33
C LEU A 11 11.14 -1.14 -1.61
N LYS A 1 -11.68 4.54 2.51
CA LYS A 1 -11.16 3.42 1.75
C LYS A 1 -10.65 2.32 2.68
N PHE A 2 -10.43 1.13 2.13
CA PHE A 2 -9.95 0.00 2.90
C PHE A 2 -8.44 0.08 3.09
N LYS A 3 -7.89 -0.90 3.81
CA LYS A 3 -6.45 -0.93 4.06
C LYS A 3 -5.70 -1.50 2.87
N LYS A 4 -5.75 -0.79 1.74
CA LYS A 4 -5.07 -1.23 0.53
C LYS A 4 -3.56 -1.29 0.74
N VAL A 5 -2.94 -2.35 0.23
CA VAL A 5 -1.50 -2.53 0.36
C VAL A 5 -0.74 -1.59 -0.58
N ILE A 6 0.14 -0.77 -0.01
CA ILE A 6 0.92 0.17 -0.80
C ILE A 6 2.41 -0.08 -0.62
N TRP A 7 2.78 -1.34 -0.42
CA TRP A 7 4.17 -1.72 -0.24
C TRP A 7 5.00 -1.38 -1.48
N LYS A 8 4.36 -1.44 -2.64
CA LYS A 8 5.03 -1.15 -3.90
C LYS A 8 5.77 0.18 -3.81
N SER A 9 5.21 1.13 -3.07
CA SER A 9 5.82 2.44 -2.92
C SER A 9 6.97 2.39 -1.93
N PHE A 10 6.82 1.57 -0.89
CA PHE A 10 7.84 1.42 0.13
C PHE A 10 9.17 0.97 -0.48
N LEU A 11 9.08 0.16 -1.53
CA LEU A 11 10.25 -0.36 -2.21
C LEU A 11 11.23 0.78 -2.54
N LYS A 1 -9.93 3.65 -0.57
CA LYS A 1 -9.01 3.87 0.54
C LYS A 1 -9.41 3.04 1.76
N PHE A 2 -8.65 1.98 2.01
CA PHE A 2 -8.92 1.10 3.14
C PHE A 2 -7.63 0.53 3.72
N LYS A 3 -6.54 1.25 3.50
CA LYS A 3 -5.24 0.84 4.00
C LYS A 3 -4.92 -0.61 3.59
N LYS A 4 -4.64 -0.80 2.32
CA LYS A 4 -4.34 -2.13 1.79
C LYS A 4 -2.83 -2.29 1.56
N VAL A 5 -2.39 -3.54 1.45
CA VAL A 5 -0.98 -3.83 1.23
C VAL A 5 -0.55 -3.43 -0.18
N ILE A 6 0.46 -2.56 -0.27
CA ILE A 6 0.95 -2.10 -1.56
C ILE A 6 2.45 -1.87 -1.51
N TRP A 7 3.23 -2.79 -2.07
CA TRP A 7 4.67 -2.67 -2.09
C TRP A 7 5.11 -1.39 -2.80
N LYS A 8 4.38 -1.02 -3.84
CA LYS A 8 4.68 0.18 -4.61
C LYS A 8 4.72 1.41 -3.70
N SER A 9 3.84 1.42 -2.70
CA SER A 9 3.77 2.53 -1.75
C SER A 9 4.80 2.37 -0.63
N PHE A 10 4.98 1.12 -0.19
CA PHE A 10 5.92 0.82 0.87
C PHE A 10 7.35 1.19 0.46
N LEU A 11 7.66 1.01 -0.81
CA LEU A 11 8.98 1.32 -1.33
C LEU A 11 9.04 2.76 -1.85
N LYS A 1 -12.61 4.57 1.50
CA LYS A 1 -11.21 4.37 1.88
C LYS A 1 -10.86 2.89 1.92
N PHE A 2 -9.56 2.59 1.97
CA PHE A 2 -9.11 1.21 2.01
C PHE A 2 -7.84 1.08 2.87
N LYS A 3 -7.60 -0.11 3.38
CA LYS A 3 -6.42 -0.37 4.22
C LYS A 3 -5.61 -1.53 3.66
N LYS A 4 -5.55 -1.62 2.34
CA LYS A 4 -4.79 -2.69 1.68
C LYS A 4 -3.29 -2.48 1.85
N VAL A 5 -2.50 -3.33 1.20
CA VAL A 5 -1.05 -3.24 1.28
C VAL A 5 -0.46 -2.65 0.00
N ILE A 6 0.55 -1.82 0.16
CA ILE A 6 1.20 -1.18 -0.98
C ILE A 6 2.72 -1.28 -0.88
N TRP A 7 3.29 -2.27 -1.56
CA TRP A 7 4.74 -2.47 -1.54
C TRP A 7 5.43 -1.52 -2.52
N LYS A 8 4.78 -1.26 -3.64
CA LYS A 8 5.33 -0.36 -4.65
C LYS A 8 5.66 1.00 -4.05
N SER A 9 4.82 1.44 -3.12
CA SER A 9 5.01 2.74 -2.47
C SER A 9 6.03 2.63 -1.33
N PHE A 10 6.00 1.49 -0.62
CA PHE A 10 6.91 1.26 0.49
C PHE A 10 8.36 1.23 0.01
N LEU A 11 8.56 0.69 -1.19
CA LEU A 11 9.91 0.60 -1.76
C LEU A 11 10.20 1.80 -2.66
N LYS A 1 -12.28 4.76 1.08
CA LYS A 1 -11.10 4.46 1.87
C LYS A 1 -10.95 2.94 2.09
N PHE A 2 -9.86 2.39 1.58
CA PHE A 2 -9.61 0.95 1.71
C PHE A 2 -8.36 0.71 2.55
N LYS A 3 -8.36 -0.42 3.28
CA LYS A 3 -7.24 -0.78 4.13
C LYS A 3 -6.49 -1.97 3.55
N LYS A 4 -5.75 -1.73 2.47
CA LYS A 4 -4.97 -2.79 1.83
C LYS A 4 -3.48 -2.59 2.04
N VAL A 5 -2.67 -3.41 1.39
CA VAL A 5 -1.22 -3.32 1.51
C VAL A 5 -0.61 -2.67 0.28
N ILE A 6 0.35 -1.78 0.50
CA ILE A 6 1.01 -1.08 -0.61
C ILE A 6 2.53 -1.10 -0.43
N TRP A 7 3.19 -2.04 -1.08
CA TRP A 7 4.64 -2.16 -0.99
C TRP A 7 5.32 -1.18 -1.92
N LYS A 8 4.67 -0.89 -3.05
CA LYS A 8 5.22 0.04 -4.02
C LYS A 8 5.62 1.36 -3.37
N SER A 9 4.86 1.76 -2.36
CA SER A 9 5.12 3.01 -1.64
C SER A 9 6.57 3.06 -1.18
N PHE A 10 7.11 1.91 -0.81
CA PHE A 10 8.50 1.82 -0.35
C PHE A 10 9.44 1.48 -1.50
N LEU A 11 8.96 0.65 -2.42
CA LEU A 11 9.76 0.25 -3.57
C LEU A 11 11.13 -0.26 -3.13
N LYS A 1 -5.38 4.53 3.21
CA LYS A 1 -5.85 3.25 3.74
C LYS A 1 -6.64 2.48 2.69
N PHE A 2 -7.06 1.26 3.03
CA PHE A 2 -7.81 0.43 2.12
C PHE A 2 -7.01 0.13 0.86
N LYS A 3 -7.59 -0.67 -0.03
CA LYS A 3 -6.93 -1.03 -1.27
C LYS A 3 -5.52 -1.56 -1.01
N LYS A 4 -5.44 -2.81 -0.58
CA LYS A 4 -4.15 -3.44 -0.29
C LYS A 4 -3.34 -2.59 0.68
N VAL A 5 -2.11 -3.02 0.94
CA VAL A 5 -1.22 -2.29 1.86
C VAL A 5 -0.45 -1.22 1.12
N ILE A 6 -0.35 -0.04 1.72
CA ILE A 6 0.37 1.09 1.13
C ILE A 6 1.82 0.72 0.87
N TRP A 7 2.32 -0.28 1.59
CA TRP A 7 3.70 -0.72 1.45
C TRP A 7 4.02 -1.00 -0.02
N LYS A 8 3.04 -1.52 -0.75
CA LYS A 8 3.22 -1.83 -2.16
C LYS A 8 3.74 -0.61 -2.92
N SER A 9 3.29 0.58 -2.52
CA SER A 9 3.71 1.81 -3.17
C SER A 9 5.01 2.32 -2.57
N PHE A 10 5.15 2.19 -1.26
CA PHE A 10 6.35 2.63 -0.57
C PHE A 10 7.60 1.96 -1.14
N LEU A 11 7.45 0.70 -1.54
CA LEU A 11 8.55 -0.06 -2.10
C LEU A 11 8.53 -0.02 -3.62
N LYS A 1 -12.65 0.73 4.23
CA LYS A 1 -12.43 2.08 3.74
C LYS A 1 -11.09 2.20 3.03
N PHE A 2 -10.07 1.53 3.58
CA PHE A 2 -8.74 1.55 2.99
C PHE A 2 -8.27 0.15 2.66
N LYS A 3 -8.20 -0.16 1.37
CA LYS A 3 -7.76 -1.49 0.93
C LYS A 3 -6.55 -1.37 0.00
N LYS A 4 -5.63 -0.46 0.33
CA LYS A 4 -4.43 -0.25 -0.47
C LYS A 4 -3.18 -0.40 0.39
N VAL A 5 -2.15 -1.02 -0.18
CA VAL A 5 -0.88 -1.22 0.53
C VAL A 5 0.16 -0.21 0.07
N ILE A 6 0.95 0.28 1.02
CA ILE A 6 2.01 1.24 0.71
C ILE A 6 3.35 0.55 0.53
N TRP A 7 3.47 -0.64 1.10
CA TRP A 7 4.71 -1.40 1.00
C TRP A 7 5.13 -1.57 -0.46
N LYS A 8 4.16 -1.71 -1.34
CA LYS A 8 4.43 -1.88 -2.76
C LYS A 8 5.04 -0.61 -3.35
N SER A 9 4.72 0.53 -2.75
CA SER A 9 5.24 1.81 -3.21
C SER A 9 6.66 2.03 -2.70
N PHE A 10 6.92 1.58 -1.48
CA PHE A 10 8.25 1.74 -0.89
C PHE A 10 9.24 0.73 -1.47
N LEU A 11 8.75 -0.47 -1.76
CA LEU A 11 9.58 -1.53 -2.33
C LEU A 11 10.32 -1.02 -3.56
N LYS A 1 -8.25 4.40 0.36
CA LYS A 1 -9.46 3.59 0.35
C LYS A 1 -9.16 2.17 0.82
N PHE A 2 -9.78 1.78 1.93
CA PHE A 2 -9.58 0.45 2.48
C PHE A 2 -8.13 0.23 2.87
N LYS A 3 -7.84 -0.92 3.48
CA LYS A 3 -6.49 -1.25 3.91
C LYS A 3 -5.67 -1.76 2.72
N LYS A 4 -5.39 -0.88 1.77
CA LYS A 4 -4.61 -1.24 0.59
C LYS A 4 -3.22 -1.72 0.99
N VAL A 5 -2.44 -2.13 0.00
CA VAL A 5 -1.08 -2.62 0.25
C VAL A 5 -0.10 -1.47 0.42
N ILE A 6 0.84 -1.62 1.34
CA ILE A 6 1.83 -0.59 1.61
C ILE A 6 3.12 -0.85 0.82
N TRP A 7 3.32 -2.11 0.43
CA TRP A 7 4.50 -2.49 -0.33
C TRP A 7 4.66 -1.61 -1.57
N LYS A 8 3.54 -1.24 -2.17
CA LYS A 8 3.55 -0.40 -3.37
C LYS A 8 4.10 0.99 -3.04
N SER A 9 3.93 1.41 -1.80
CA SER A 9 4.40 2.72 -1.36
C SER A 9 5.90 2.70 -1.10
N PHE A 10 6.38 1.58 -0.57
CA PHE A 10 7.81 1.43 -0.27
C PHE A 10 8.60 1.14 -1.53
N LEU A 11 8.00 0.37 -2.44
CA LEU A 11 8.65 0.02 -3.69
C LEU A 11 9.15 1.25 -4.42
N LYS A 1 -11.85 0.16 1.92
CA LYS A 1 -11.41 0.17 3.31
C LYS A 1 -9.88 0.13 3.39
N PHE A 2 -9.35 0.62 4.49
CA PHE A 2 -7.90 0.64 4.70
C PHE A 2 -7.20 1.42 3.59
N LYS A 3 -5.89 1.55 3.69
CA LYS A 3 -5.11 2.28 2.70
C LYS A 3 -3.77 1.58 2.43
N LYS A 4 -3.85 0.39 1.84
CA LYS A 4 -2.66 -0.39 1.53
C LYS A 4 -2.54 -0.62 0.02
N VAL A 5 -2.46 0.47 -0.74
CA VAL A 5 -2.34 0.40 -2.18
C VAL A 5 -0.88 0.22 -2.61
N ILE A 6 -0.60 -0.92 -3.23
CA ILE A 6 0.76 -1.20 -3.68
C ILE A 6 1.71 -1.37 -2.51
N TRP A 7 2.36 -2.53 -2.43
CA TRP A 7 3.31 -2.81 -1.36
C TRP A 7 4.66 -2.19 -1.65
N LYS A 8 5.20 -2.46 -2.84
CA LYS A 8 6.49 -1.93 -3.23
C LYS A 8 6.53 -0.41 -3.07
N SER A 9 5.39 0.23 -3.29
CA SER A 9 5.28 1.67 -3.17
C SER A 9 5.51 2.13 -1.74
N PHE A 10 5.05 1.33 -0.79
CA PHE A 10 5.20 1.64 0.63
C PHE A 10 6.56 1.17 1.14
N LEU A 11 7.02 0.03 0.64
CA LEU A 11 8.30 -0.53 1.04
C LEU A 11 9.41 0.50 0.92
N LYS A 1 -9.79 6.01 2.59
CA LYS A 1 -9.95 4.58 2.84
C LYS A 1 -8.63 3.84 2.63
N PHE A 2 -8.51 2.66 3.22
CA PHE A 2 -7.30 1.86 3.08
C PHE A 2 -7.31 1.08 1.77
N LYS A 3 -6.12 0.84 1.22
CA LYS A 3 -5.99 0.11 -0.03
C LYS A 3 -5.09 -1.11 0.14
N LYS A 4 -5.43 -1.95 1.12
CA LYS A 4 -4.64 -3.16 1.39
C LYS A 4 -3.17 -2.82 1.60
N VAL A 5 -2.36 -3.85 1.78
CA VAL A 5 -0.93 -3.66 1.98
C VAL A 5 -0.14 -3.92 0.70
N ILE A 6 0.67 -2.94 0.32
CA ILE A 6 1.48 -3.06 -0.90
C ILE A 6 2.82 -2.37 -0.73
N TRP A 7 3.87 -3.16 -0.53
CA TRP A 7 5.22 -2.63 -0.36
C TRP A 7 5.62 -1.75 -1.54
N LYS A 8 5.16 -2.13 -2.74
CA LYS A 8 5.46 -1.37 -3.94
C LYS A 8 5.08 0.09 -3.78
N SER A 9 3.91 0.33 -3.18
CA SER A 9 3.42 1.69 -2.97
C SER A 9 4.14 2.34 -1.79
N PHE A 10 4.44 1.54 -0.77
CA PHE A 10 5.12 2.04 0.42
C PHE A 10 6.44 2.72 0.05
N LEU A 11 7.03 2.28 -1.06
CA LEU A 11 8.29 2.86 -1.52
C LEU A 11 8.22 4.38 -1.55
#